data_8DWJ
#
_entry.id   8DWJ
#
_cell.length_a   1.00
_cell.length_b   1.00
_cell.length_c   1.00
_cell.angle_alpha   90.00
_cell.angle_beta   90.00
_cell.angle_gamma   90.00
#
_symmetry.space_group_name_H-M   'P 1'
#
loop_
_entity.id
_entity.type
_entity.pdbx_description
1 polymer "RNA(5'-ppp-GCCGA-3')"
2 polymer 'DNA (70-MER)'
3 polymer 'DNA primase'
4 non-polymer 'ZINC ION'
#
loop_
_entity_poly.entity_id
_entity_poly.type
_entity_poly.pdbx_seq_one_letter_code
_entity_poly.pdbx_strand_id
1 'polyribonucleotide' (GTP)CCGA P
2 'polydeoxyribonucleotide'
;(DG)(DA)(DA)(DT)(DG)(DA)(DG)(DG)(DA)(DG)(DT)(DA)(DG)(DT)(DA)(DG)(DT)(DG)(DA)(DA)
(DT)(DG)(DT)(DA)(DG)(DT)(DG)(DA)(DG)(DG)(DT)(DA)(DA)(DT)(DA)(DT)(DC)(DG)(DG)(DC)
(DT)(DG)(DG)(DT)(DC)(DT)(DG)(DG)(DT)(DC)(DT)(DG)(DT)(DG)(DC)(DC)(DA)(DA)(DG)(DT)
(DT)(DG)(DC)(DT)(DG)(DC)(DA)(DA)(DA)(DA)
;
T
3 'polypeptide(L)'
;MSSIPWIDNEFAYRALAHLPKFTQVNNSSTFKLRFRCPVCGDSKTDQNKARGWYYGDNNEGNIHCYNCNYHAPIGIYLKE
FEPDLYREYIFEIRKEKGKSRPIEKPKELPKQPEKKIIKSLPSCVRLDKLAEDHPIIKYVKARCIPKDKWKYLWFTTEWP
KLVNSIAPGTYKKEISEPRLVIPIYNANGKAESFQGRALKKDAPQKYITIEAYPEATKIYGVERVKDGDVYVLEGPIDSL
FIENGIAITGGQLDLEVVPFKDRRVWVLDNEPRHPDTIKRMTKLVDAGERVMFWDKSPWKSKDVNDMIRKEGATPEQIME
YMKNNIAQGLMAKMRLSKYAKI
;
A
#
# COMPACT_ATOMS: atom_id res chain seq x y z
N SER C 3 -18.09 22.16 -6.39
CA SER C 3 -18.47 21.96 -5.01
C SER C 3 -17.45 22.56 -4.06
N ILE C 4 -17.73 22.49 -2.77
CA ILE C 4 -16.88 23.10 -1.74
C ILE C 4 -16.43 22.00 -0.80
N PRO C 5 -15.29 21.34 -1.08
CA PRO C 5 -14.92 20.12 -0.34
C PRO C 5 -14.58 20.29 1.14
N TRP C 6 -14.04 21.45 1.52
CA TRP C 6 -13.61 21.63 2.90
C TRP C 6 -14.81 21.79 3.83
N ILE C 7 -15.85 22.47 3.37
CA ILE C 7 -17.09 22.57 4.14
C ILE C 7 -17.78 21.20 4.21
N ASP C 8 -17.64 20.39 3.16
CA ASP C 8 -18.13 19.01 3.19
C ASP C 8 -17.42 18.21 4.27
N ASN C 9 -16.08 18.34 4.35
CA ASN C 9 -15.32 17.63 5.36
C ASN C 9 -15.65 18.11 6.77
N GLU C 10 -15.82 19.42 6.94
CA GLU C 10 -16.11 19.99 8.27
C GLU C 10 -17.49 19.57 8.75
N PHE C 11 -18.51 19.71 7.90
CA PHE C 11 -19.85 19.34 8.31
C PHE C 11 -20.03 17.83 8.44
N ALA C 12 -19.26 17.04 7.67
CA ALA C 12 -19.27 15.60 7.86
C ALA C 12 -18.64 15.21 9.20
N TYR C 13 -17.56 15.90 9.58
CA TYR C 13 -16.95 15.65 10.88
C TYR C 13 -17.87 16.08 12.02
N ARG C 14 -18.64 17.15 11.81
CA ARG C 14 -19.60 17.58 12.83
C ARG C 14 -20.78 16.63 12.93
N ALA C 15 -21.29 16.14 11.79
CA ALA C 15 -22.54 15.38 11.80
C ALA C 15 -22.29 13.89 11.93
N LEU C 16 -21.03 13.44 11.92
CA LEU C 16 -20.75 12.02 12.04
C LEU C 16 -19.93 11.66 13.28
N ALA C 17 -19.48 12.64 14.06
CA ALA C 17 -18.71 12.34 15.27
C ALA C 17 -19.55 11.67 16.34
N HIS C 18 -20.80 12.09 16.52
CA HIS C 18 -21.64 11.53 17.58
C HIS C 18 -22.15 10.13 17.28
N LEU C 19 -22.01 9.66 16.04
CA LEU C 19 -22.40 8.30 15.68
C LEU C 19 -21.43 7.29 16.29
N PRO C 20 -21.91 6.08 16.59
CA PRO C 20 -21.02 5.06 17.18
C PRO C 20 -19.95 4.59 16.21
N LYS C 21 -18.81 4.18 16.78
CA LYS C 21 -17.63 3.67 16.07
C LYS C 21 -17.10 4.67 15.04
N PHE C 22 -17.08 5.95 15.40
CA PHE C 22 -16.55 6.96 14.51
C PHE C 22 -15.02 6.99 14.57
N THR C 23 -14.40 7.11 13.40
CA THR C 23 -12.95 7.16 13.27
C THR C 23 -12.62 8.11 12.12
N GLN C 24 -11.82 9.13 12.43
CA GLN C 24 -11.41 10.12 11.44
C GLN C 24 -10.17 9.60 10.72
N VAL C 25 -10.38 8.78 9.69
CA VAL C 25 -9.27 8.19 8.94
C VAL C 25 -8.75 9.23 7.97
N ASN C 26 -7.75 9.98 8.38
CA ASN C 26 -7.14 10.99 7.53
C ASN C 26 -5.71 10.58 7.19
N ASN C 27 -5.51 10.17 5.94
CA ASN C 27 -4.16 10.05 5.40
C ASN C 27 -3.82 11.34 4.67
N SER C 28 -2.56 11.44 4.25
CA SER C 28 -1.93 12.70 3.83
C SER C 28 -2.60 13.35 2.61
N SER C 29 -3.39 12.58 1.86
CA SER C 29 -4.16 13.16 0.77
C SER C 29 -5.64 12.79 0.87
N THR C 30 -6.01 11.93 1.81
CA THR C 30 -7.38 11.42 1.85
C THR C 30 -8.05 11.73 3.18
N PHE C 31 -9.23 12.32 3.10
CA PHE C 31 -10.10 12.56 4.26
C PHE C 31 -11.23 11.54 4.17
N LYS C 32 -11.27 10.59 5.12
CA LYS C 32 -12.31 9.59 5.16
C LYS C 32 -12.81 9.46 6.60
N LEU C 33 -14.08 9.10 6.74
CA LEU C 33 -14.68 8.91 8.05
C LEU C 33 -15.34 7.54 8.10
N ARG C 34 -14.96 6.74 9.10
CA ARG C 34 -15.54 5.42 9.30
C ARG C 34 -16.52 5.48 10.46
N PHE C 35 -17.69 4.89 10.28
CA PHE C 35 -18.78 5.06 11.24
C PHE C 35 -19.80 3.96 11.00
N ARG C 36 -20.52 3.63 12.07
CA ARG C 36 -21.67 2.75 11.96
C ARG C 36 -22.79 3.49 11.23
N CYS C 37 -23.27 2.92 10.14
CA CYS C 37 -24.25 3.60 9.31
C CYS C 37 -25.61 3.64 10.00
N PRO C 38 -26.19 4.81 10.23
CA PRO C 38 -27.46 4.88 10.96
C PRO C 38 -28.66 4.41 10.14
N VAL C 39 -28.50 4.28 8.82
CA VAL C 39 -29.58 3.80 7.97
C VAL C 39 -29.89 2.33 8.24
N CYS C 40 -28.84 1.50 8.30
CA CYS C 40 -29.01 0.07 8.51
C CYS C 40 -28.54 -0.43 9.86
N GLY C 41 -27.70 0.33 10.56
CA GLY C 41 -27.18 -0.12 11.83
C GLY C 41 -25.95 -1.01 11.74
N ASP C 42 -25.52 -1.34 10.51
CA ASP C 42 -24.45 -2.30 10.19
C ASP C 42 -24.78 -3.63 10.88
N SER C 43 -23.89 -4.20 11.68
CA SER C 43 -24.15 -5.46 12.36
C SER C 43 -23.71 -5.32 13.81
N LYS C 44 -24.37 -6.10 14.69
CA LYS C 44 -23.97 -6.11 16.10
C LYS C 44 -22.61 -6.79 16.27
N THR C 45 -22.34 -7.81 15.45
CA THR C 45 -21.01 -8.42 15.44
C THR C 45 -20.00 -7.50 14.78
N ASP C 46 -20.36 -6.90 13.66
CA ASP C 46 -19.46 -6.04 12.89
C ASP C 46 -19.59 -4.58 13.31
N GLN C 47 -19.44 -4.32 14.61
CA GLN C 47 -19.38 -2.94 15.09
C GLN C 47 -18.10 -2.26 14.64
N ASN C 48 -16.96 -2.93 14.83
CA ASN C 48 -15.69 -2.38 14.38
C ASN C 48 -15.56 -2.46 12.85
N LYS C 49 -16.24 -3.44 12.24
CA LYS C 49 -16.31 -3.53 10.78
C LYS C 49 -17.52 -2.72 10.30
N ALA C 50 -17.43 -1.42 10.50
CA ALA C 50 -18.54 -0.51 10.24
C ALA C 50 -18.51 -0.06 8.79
N ARG C 51 -19.56 -0.37 8.04
CA ARG C 51 -19.62 -0.10 6.62
C ARG C 51 -19.93 1.35 6.29
N GLY C 52 -20.31 2.16 7.28
CA GLY C 52 -20.56 3.57 7.03
C GLY C 52 -19.29 4.31 6.70
N TRP C 53 -19.15 4.75 5.47
CA TRP C 53 -17.93 5.39 5.01
C TRP C 53 -18.24 6.73 4.38
N TYR C 54 -17.41 7.73 4.69
CA TYR C 54 -17.45 9.03 4.04
C TYR C 54 -16.10 9.26 3.39
N TYR C 55 -16.14 9.74 2.14
CA TYR C 55 -14.95 10.08 1.37
C TYR C 55 -15.06 11.54 0.97
N GLY C 56 -14.16 12.36 1.50
CA GLY C 56 -14.17 13.79 1.23
C GLY C 56 -12.95 14.25 0.45
N ASP C 57 -12.09 13.31 0.08
CA ASP C 57 -10.90 13.61 -0.71
C ASP C 57 -11.22 13.99 -2.14
N ASN C 58 -12.42 13.67 -2.63
CA ASN C 58 -12.85 14.03 -3.97
C ASN C 58 -13.31 15.49 -3.99
N ASN C 59 -13.74 15.95 -5.16
CA ASN C 59 -14.28 17.29 -5.30
C ASN C 59 -15.65 17.38 -4.62
N GLU C 60 -16.35 16.24 -4.53
CA GLU C 60 -17.62 16.17 -3.83
C GLU C 60 -17.46 15.18 -2.68
N GLY C 61 -18.15 15.44 -1.57
CA GLY C 61 -18.11 14.53 -0.44
C GLY C 61 -19.18 13.47 -0.52
N ASN C 62 -18.78 12.20 -0.53
CA ASN C 62 -19.71 11.11 -0.77
C ASN C 62 -19.78 10.21 0.47
N ILE C 63 -21.00 9.93 0.92
CA ILE C 63 -21.24 8.98 1.99
C ILE C 63 -21.72 7.70 1.31
N HIS C 64 -20.86 6.70 1.25
CA HIS C 64 -21.17 5.41 0.66
C HIS C 64 -21.06 4.35 1.75
N CYS C 65 -22.17 3.68 2.03
CA CYS C 65 -22.18 2.52 2.92
C CYS C 65 -22.39 1.27 2.07
N TYR C 66 -21.48 0.30 2.20
CA TYR C 66 -21.58 -0.91 1.41
C TYR C 66 -22.60 -1.89 1.95
N ASN C 67 -23.08 -1.71 3.18
CA ASN C 67 -24.02 -2.66 3.75
C ASN C 67 -25.42 -2.46 3.19
N CYS C 68 -25.95 -1.25 3.29
CA CYS C 68 -27.28 -0.95 2.77
C CYS C 68 -27.23 -0.37 1.36
N ASN C 69 -26.06 -0.38 0.72
CA ASN C 69 -25.82 0.12 -0.64
C ASN C 69 -26.23 1.58 -0.80
N TYR C 70 -25.95 2.39 0.21
CA TYR C 70 -26.43 3.76 0.27
C TYR C 70 -25.27 4.71 -0.03
N HIS C 71 -25.15 5.04 -1.32
CA HIS C 71 -24.20 6.05 -1.75
C HIS C 71 -24.92 7.38 -1.89
N ALA C 72 -24.46 8.40 -1.17
CA ALA C 72 -25.13 9.69 -1.18
C ALA C 72 -24.14 10.82 -0.91
N PRO C 73 -24.43 12.02 -1.39
CA PRO C 73 -23.65 13.19 -0.96
C PRO C 73 -23.94 13.54 0.49
N ILE C 74 -23.08 14.39 1.05
CA ILE C 74 -23.21 14.84 2.43
C ILE C 74 -24.45 15.71 2.60
N GLY C 75 -24.81 16.46 1.56
CA GLY C 75 -25.98 17.32 1.63
C GLY C 75 -27.29 16.55 1.70
N ILE C 76 -27.36 15.42 1.00
CA ILE C 76 -28.56 14.58 1.07
C ILE C 76 -28.66 13.93 2.44
N TYR C 77 -27.52 13.55 3.03
CA TYR C 77 -27.49 13.04 4.40
C TYR C 77 -27.97 14.09 5.38
N LEU C 78 -27.58 15.35 5.17
CA LEU C 78 -28.03 16.43 6.03
C LEU C 78 -29.52 16.71 5.84
N LYS C 79 -30.01 16.56 4.61
CA LYS C 79 -31.45 16.68 4.35
C LYS C 79 -32.24 15.60 5.07
N GLU C 80 -31.78 14.35 5.02
CA GLU C 80 -32.52 13.27 5.66
C GLU C 80 -32.40 13.25 7.17
N PHE C 81 -31.27 13.68 7.74
CA PHE C 81 -31.01 13.42 9.15
C PHE C 81 -30.77 14.64 10.03
N GLU C 82 -30.09 15.67 9.52
CA GLU C 82 -29.73 16.84 10.33
C GLU C 82 -30.24 18.10 9.65
N PRO C 83 -31.56 18.37 9.75
CA PRO C 83 -32.14 19.46 8.97
C PRO C 83 -31.73 20.85 9.44
N ASP C 84 -31.41 21.00 10.73
CA ASP C 84 -30.83 22.25 11.22
C ASP C 84 -29.44 22.45 10.62
N LEU C 85 -28.62 21.39 10.64
CA LEU C 85 -27.32 21.45 9.99
C LEU C 85 -27.45 21.55 8.49
N TYR C 86 -28.55 21.04 7.93
CA TYR C 86 -28.78 21.18 6.49
C TYR C 86 -29.10 22.63 6.12
N ARG C 87 -29.92 23.26 6.94
CA ARG C 87 -30.16 24.68 6.63
C ARG C 87 -28.81 25.35 6.71
N GLU C 88 -28.22 25.28 7.88
CA GLU C 88 -26.94 25.97 8.07
C GLU C 88 -26.01 25.71 6.89
N TYR C 89 -26.02 24.48 6.36
CA TYR C 89 -25.24 24.13 5.18
C TYR C 89 -25.67 24.92 3.95
N ILE C 90 -26.98 25.03 3.73
CA ILE C 90 -27.51 25.75 2.57
C ILE C 90 -27.20 27.23 2.69
N PHE C 91 -27.25 27.77 3.91
CA PHE C 91 -26.83 29.15 4.13
C PHE C 91 -25.33 29.33 3.87
N GLU C 92 -24.50 28.42 4.36
CA GLU C 92 -23.06 28.61 4.32
C GLU C 92 -22.49 28.40 2.91
N ILE C 93 -23.11 27.53 2.12
CA ILE C 93 -22.61 27.28 0.77
C ILE C 93 -22.82 28.51 -0.12
N ARG C 94 -24.04 29.08 -0.07
CA ARG C 94 -24.31 30.29 -0.83
C ARG C 94 -23.60 31.49 -0.20
N LYS C 95 -23.25 31.40 1.08
CA LYS C 95 -22.45 32.44 1.72
C LYS C 95 -21.02 32.44 1.19
N GLU C 96 -20.40 31.26 1.12
CA GLU C 96 -19.02 31.13 0.70
C GLU C 96 -18.84 31.06 -0.81
N LYS C 97 -19.94 30.99 -1.58
CA LYS C 97 -19.83 31.05 -3.03
C LYS C 97 -19.32 32.40 -3.51
N GLY C 98 -19.65 33.47 -2.78
CA GLY C 98 -19.25 34.81 -3.20
C GLY C 98 -17.76 35.05 -3.07
N LYS C 99 -17.15 34.55 -2.02
CA LYS C 99 -15.74 34.83 -1.77
C LYS C 99 -14.84 33.78 -2.43
N SER C 100 -13.53 34.04 -2.39
CA SER C 100 -12.55 33.07 -2.96
C SER C 100 -12.20 32.02 -1.91
N ARG C 101 -11.74 30.85 -2.34
CA ARG C 101 -11.33 29.78 -1.39
C ARG C 101 -10.17 30.30 -0.53
N PRO C 102 -10.21 30.16 0.81
CA PRO C 102 -9.11 30.57 1.67
C PRO C 102 -8.27 29.38 2.15
N ILE C 103 -8.62 28.16 1.71
CA ILE C 103 -7.91 26.94 2.19
C ILE C 103 -6.43 27.01 1.82
N GLU C 104 -6.11 27.60 0.66
CA GLU C 104 -4.69 27.63 0.20
C GLU C 104 -3.86 28.52 1.12
N LYS C 105 -4.45 29.57 1.69
CA LYS C 105 -3.67 30.50 2.51
C LYS C 105 -2.89 29.81 3.63
N PRO C 106 -3.50 28.93 4.51
CA PRO C 106 -2.64 28.25 5.49
C PRO C 106 -2.12 26.90 5.00
N LYS C 107 -1.33 26.93 3.94
CA LYS C 107 -0.76 25.72 3.35
C LYS C 107 0.59 25.46 4.00
N GLU C 108 0.59 24.63 5.05
CA GLU C 108 1.86 24.30 5.76
C GLU C 108 2.04 22.78 5.79
N LEU C 109 3.23 22.30 6.18
CA LEU C 109 3.49 20.84 6.25
C LEU C 109 4.06 20.50 7.64
N PRO C 110 3.46 19.55 8.39
CA PRO C 110 3.96 19.14 9.70
C PRO C 110 4.76 17.84 9.64
N LYS C 111 5.33 17.51 8.48
CA LYS C 111 6.07 16.23 8.32
C LYS C 111 7.43 16.32 9.01
N GLN C 112 8.36 15.43 8.66
CA GLN C 112 9.67 15.42 9.29
C GLN C 112 10.62 14.52 8.52
N PRO C 113 11.94 14.73 8.65
CA PRO C 113 12.91 13.76 8.11
C PRO C 113 13.01 12.50 8.97
N GLU C 114 14.04 11.69 8.71
CA GLU C 114 14.30 10.42 9.42
C GLU C 114 14.38 10.63 10.92
N LYS C 115 13.41 10.05 11.63
CA LYS C 115 13.08 10.41 12.99
C LYS C 115 13.28 9.23 13.93
N LYS C 116 12.92 8.05 13.47
CA LYS C 116 13.03 6.81 14.24
C LYS C 116 13.96 5.82 13.55
N ILE C 117 15.17 6.30 13.21
CA ILE C 117 16.18 5.57 12.45
C ILE C 117 16.54 4.25 13.12
N ILE C 118 16.32 3.15 12.41
CA ILE C 118 16.38 1.80 12.98
C ILE C 118 17.83 1.32 13.02
N LYS C 119 18.45 1.43 14.19
CA LYS C 119 19.86 1.06 14.30
C LYS C 119 20.05 -0.44 14.46
N SER C 120 19.15 -1.11 15.17
CA SER C 120 19.31 -2.52 15.45
C SER C 120 17.96 -3.22 15.47
N LEU C 121 17.98 -4.54 15.30
CA LEU C 121 16.77 -5.35 15.31
C LEU C 121 16.87 -6.38 16.43
N PRO C 122 16.25 -6.13 17.59
CA PRO C 122 16.28 -7.13 18.67
C PRO C 122 15.43 -8.34 18.31
N SER C 123 15.80 -9.49 18.89
CA SER C 123 15.20 -10.80 18.67
C SER C 123 15.19 -11.22 17.20
N CYS C 124 16.18 -10.76 16.43
CA CYS C 124 16.25 -11.04 15.00
C CYS C 124 17.63 -11.55 14.62
N VAL C 125 17.67 -12.66 13.90
CA VAL C 125 18.90 -13.20 13.35
C VAL C 125 18.78 -13.16 11.83
N ARG C 126 19.79 -12.59 11.17
CA ARG C 126 19.80 -12.52 9.72
C ARG C 126 19.97 -13.90 9.12
N LEU C 127 19.44 -14.08 7.90
CA LEU C 127 19.35 -15.41 7.31
C LEU C 127 20.70 -15.97 6.90
N ASP C 128 21.65 -15.11 6.53
CA ASP C 128 22.97 -15.60 6.15
C ASP C 128 23.81 -16.04 7.33
N LYS C 129 23.53 -15.55 8.54
CA LYS C 129 24.20 -16.05 9.74
C LYS C 129 23.41 -17.15 10.43
N LEU C 130 22.31 -17.61 9.85
CA LEU C 130 21.57 -18.73 10.38
C LEU C 130 22.09 -20.04 9.80
N ALA C 131 21.93 -21.12 10.55
CA ALA C 131 22.40 -22.42 10.12
C ALA C 131 21.55 -22.94 8.96
N GLU C 132 22.15 -23.83 8.17
CA GLU C 132 21.52 -24.28 6.92
C GLU C 132 20.34 -25.22 7.16
N ASP C 133 20.20 -25.76 8.36
CA ASP C 133 19.07 -26.62 8.69
C ASP C 133 17.99 -25.92 9.49
N HIS C 134 18.00 -24.59 9.52
CA HIS C 134 16.97 -23.84 10.24
C HIS C 134 15.66 -23.93 9.47
N PRO C 135 14.51 -23.99 10.15
CA PRO C 135 13.21 -24.04 9.42
C PRO C 135 12.93 -22.84 8.54
N ILE C 136 13.37 -21.63 8.93
CA ILE C 136 13.27 -20.49 8.02
C ILE C 136 14.20 -20.67 6.82
N ILE C 137 15.36 -21.28 7.02
CA ILE C 137 16.31 -21.52 5.93
C ILE C 137 15.76 -22.58 4.98
N LYS C 138 15.14 -23.63 5.53
CA LYS C 138 14.50 -24.63 4.67
C LYS C 138 13.29 -24.05 3.93
N TYR C 139 12.55 -23.15 4.59
CA TYR C 139 11.40 -22.51 3.95
C TYR C 139 11.83 -21.61 2.81
N VAL C 140 12.91 -20.86 2.97
CA VAL C 140 13.37 -20.00 1.88
C VAL C 140 14.14 -20.82 0.84
N LYS C 141 14.62 -22.01 1.21
CA LYS C 141 15.07 -22.96 0.20
C LYS C 141 13.91 -23.43 -0.66
N ALA C 142 12.74 -23.61 -0.05
CA ALA C 142 11.54 -23.87 -0.83
C ALA C 142 11.10 -22.64 -1.62
N ARG C 143 11.47 -21.44 -1.18
CA ARG C 143 11.16 -20.22 -1.91
C ARG C 143 12.18 -19.90 -3.00
N CYS C 144 13.30 -20.64 -3.05
CA CYS C 144 14.29 -20.62 -4.13
C CYS C 144 14.97 -19.25 -4.30
N ILE C 145 15.08 -18.49 -3.21
CA ILE C 145 15.87 -17.26 -3.23
C ILE C 145 17.35 -17.63 -3.29
N PRO C 146 18.16 -17.01 -4.15
CA PRO C 146 19.61 -17.25 -4.14
C PRO C 146 20.26 -16.88 -2.81
N LYS C 147 21.33 -17.62 -2.49
CA LYS C 147 21.88 -17.61 -1.13
C LYS C 147 22.55 -16.29 -0.79
N ASP C 148 23.18 -15.66 -1.79
CA ASP C 148 23.97 -14.43 -1.59
C ASP C 148 23.13 -13.25 -1.13
N LYS C 149 21.82 -13.26 -1.37
CA LYS C 149 20.94 -12.21 -0.88
C LYS C 149 20.37 -12.51 0.49
N TRP C 150 20.80 -13.60 1.13
CA TRP C 150 20.32 -13.96 2.46
C TRP C 150 20.83 -13.01 3.54
N LYS C 151 21.76 -12.12 3.20
CA LYS C 151 22.15 -11.01 4.06
C LYS C 151 21.14 -9.85 4.04
N TYR C 152 19.98 -10.01 3.39
CA TYR C 152 18.97 -8.97 3.38
C TYR C 152 17.71 -9.32 4.15
N LEU C 153 17.63 -10.51 4.73
CA LEU C 153 16.43 -10.96 5.42
C LEU C 153 16.79 -11.48 6.81
N TRP C 154 15.97 -11.11 7.80
CA TRP C 154 16.12 -11.58 9.16
C TRP C 154 14.98 -12.54 9.49
N PHE C 155 15.17 -13.32 10.55
CA PHE C 155 14.14 -14.20 11.07
C PHE C 155 13.90 -13.85 12.53
N THR C 156 12.63 -13.81 12.94
CA THR C 156 12.31 -13.50 14.33
C THR C 156 11.29 -14.49 14.87
N THR C 157 11.28 -14.63 16.19
CA THR C 157 10.24 -15.33 16.92
C THR C 157 9.45 -14.41 17.83
N GLU C 158 9.93 -13.19 18.04
CA GLU C 158 9.29 -12.22 18.93
C GLU C 158 8.91 -10.97 18.17
N TRP C 159 8.22 -11.14 17.03
CA TRP C 159 7.80 -10.03 16.18
C TRP C 159 6.96 -8.96 16.88
N PRO C 160 5.96 -9.27 17.74
CA PRO C 160 5.35 -8.18 18.52
C PRO C 160 6.30 -7.51 19.50
N LYS C 161 7.21 -8.28 20.11
CA LYS C 161 8.19 -7.68 21.01
C LYS C 161 9.18 -6.82 20.22
N LEU C 162 9.55 -7.27 19.02
CA LEU C 162 10.43 -6.49 18.15
C LEU C 162 9.78 -5.18 17.73
N VAL C 163 8.50 -5.23 17.36
CA VAL C 163 7.81 -4.02 16.93
C VAL C 163 7.60 -3.06 18.10
N ASN C 164 7.23 -3.60 19.27
CA ASN C 164 7.03 -2.77 20.45
C ASN C 164 8.35 -2.25 21.01
N SER C 165 9.47 -2.86 20.65
CA SER C 165 10.77 -2.25 20.92
C SER C 165 11.01 -1.02 20.07
N ILE C 166 10.45 -0.97 18.86
CA ILE C 166 10.59 0.16 17.97
C ILE C 166 9.39 1.11 18.08
N ALA C 167 8.17 0.58 17.92
CA ALA C 167 6.95 1.35 18.06
C ALA C 167 6.12 0.72 19.19
N PRO C 168 6.29 1.21 20.42
CA PRO C 168 5.56 0.62 21.55
C PRO C 168 4.07 0.93 21.48
N GLY C 169 3.28 0.06 22.12
CA GLY C 169 1.85 0.22 22.18
C GLY C 169 1.09 -0.26 20.95
N THR C 170 1.77 -0.90 20.00
CA THR C 170 1.10 -1.40 18.81
C THR C 170 0.20 -2.59 19.15
N TYR C 171 0.68 -3.49 20.01
CA TYR C 171 -0.07 -4.64 20.47
C TYR C 171 -0.08 -4.67 21.99
N LYS C 172 -1.23 -4.99 22.57
CA LYS C 172 -1.33 -5.09 24.03
C LYS C 172 -0.61 -6.32 24.55
N LYS C 173 -0.46 -7.35 23.73
CA LYS C 173 0.19 -8.59 24.13
C LYS C 173 1.36 -8.88 23.20
N GLU C 174 2.51 -9.19 23.77
CA GLU C 174 3.69 -9.59 22.99
C GLU C 174 3.78 -11.11 22.94
N ILE C 175 2.77 -11.70 22.31
CA ILE C 175 2.76 -13.15 22.07
C ILE C 175 3.80 -13.46 21.00
N SER C 176 4.64 -14.47 21.25
CA SER C 176 5.76 -14.77 20.38
C SER C 176 5.28 -15.30 19.03
N GLU C 177 5.84 -14.73 17.96
CA GLU C 177 5.40 -15.04 16.60
C GLU C 177 6.58 -15.05 15.64
N PRO C 178 6.89 -16.19 15.03
CA PRO C 178 7.98 -16.21 14.04
C PRO C 178 7.57 -15.56 12.73
N ARG C 179 8.37 -14.58 12.29
CA ARG C 179 8.11 -13.88 11.04
C ARG C 179 9.42 -13.62 10.32
N LEU C 180 9.32 -13.36 9.02
CA LEU C 180 10.46 -12.97 8.22
C LEU C 180 10.56 -11.45 8.17
N VAL C 181 11.59 -10.90 8.80
CA VAL C 181 11.80 -9.45 8.83
C VAL C 181 12.49 -9.04 7.55
N ILE C 182 11.84 -8.16 6.80
CA ILE C 182 12.45 -7.57 5.60
C ILE C 182 12.63 -6.09 5.89
N PRO C 183 13.82 -5.64 6.27
CA PRO C 183 14.03 -4.21 6.50
C PRO C 183 14.06 -3.44 5.19
N ILE C 184 13.27 -2.38 5.16
CA ILE C 184 13.14 -1.50 4.00
C ILE C 184 14.00 -0.28 4.26
N TYR C 185 15.04 -0.11 3.44
CA TYR C 185 16.04 0.92 3.58
C TYR C 185 15.73 2.06 2.62
N ASN C 186 16.28 3.24 2.91
CA ASN C 186 16.12 4.39 2.03
C ASN C 186 17.17 4.35 0.91
N ALA C 187 17.30 5.49 0.23
CA ALA C 187 18.34 5.63 -0.79
C ALA C 187 19.74 5.65 -0.20
N ASN C 188 19.92 6.24 0.98
CA ASN C 188 21.25 6.35 1.57
C ASN C 188 21.68 5.09 2.31
N GLY C 189 20.79 4.10 2.44
CA GLY C 189 21.18 2.79 2.92
C GLY C 189 20.84 2.45 4.35
N LYS C 190 20.08 3.28 5.05
CA LYS C 190 19.71 3.01 6.43
C LYS C 190 18.25 2.59 6.49
N ALA C 191 17.93 1.72 7.44
CA ALA C 191 16.58 1.15 7.50
C ALA C 191 15.58 2.18 8.00
N GLU C 192 14.52 2.38 7.21
CA GLU C 192 13.42 3.25 7.61
C GLU C 192 12.14 2.50 7.94
N SER C 193 12.01 1.23 7.54
CA SER C 193 10.88 0.42 8.00
C SER C 193 11.30 -1.04 7.98
N PHE C 194 10.34 -1.91 8.29
CA PHE C 194 10.54 -3.35 8.21
C PHE C 194 9.19 -4.03 8.07
N GLN C 195 9.15 -5.06 7.23
CA GLN C 195 7.92 -5.76 6.90
C GLN C 195 8.00 -7.17 7.47
N GLY C 196 6.98 -7.54 8.24
CA GLY C 196 6.90 -8.85 8.87
C GLY C 196 6.22 -9.90 8.02
N ARG C 197 6.93 -10.43 7.02
CA ARG C 197 6.38 -11.44 6.12
C ARG C 197 5.96 -12.70 6.85
N ALA C 198 4.76 -13.16 6.54
CA ALA C 198 4.16 -14.32 7.18
C ALA C 198 4.90 -15.60 6.82
N LEU C 199 5.10 -16.46 7.81
CA LEU C 199 5.72 -17.75 7.56
C LEU C 199 4.66 -18.84 7.47
N LYS C 200 5.12 -20.05 7.19
CA LYS C 200 4.32 -21.26 6.95
C LYS C 200 3.40 -20.96 5.76
N LYS C 201 2.15 -21.44 5.78
CA LYS C 201 1.19 -20.98 4.79
C LYS C 201 0.73 -19.56 5.09
N ASP C 202 0.47 -19.27 6.37
CA ASP C 202 0.11 -17.93 6.80
C ASP C 202 0.40 -17.79 8.29
N ALA C 203 0.68 -16.56 8.71
CA ALA C 203 0.79 -16.22 10.11
C ALA C 203 -0.61 -16.14 10.73
N PRO C 204 -0.71 -16.20 12.09
CA PRO C 204 -2.02 -15.99 12.74
C PRO C 204 -2.69 -14.66 12.43
N GLN C 205 -2.02 -13.54 12.71
CA GLN C 205 -2.69 -12.24 12.59
C GLN C 205 -1.68 -11.15 12.27
N LYS C 206 -2.19 -10.09 11.62
CA LYS C 206 -1.54 -8.79 11.45
C LYS C 206 -0.22 -8.90 10.67
N TYR C 207 -0.37 -9.30 9.41
CA TYR C 207 0.72 -9.20 8.43
C TYR C 207 0.75 -7.75 7.94
N ILE C 208 1.61 -6.94 8.54
CA ILE C 208 1.62 -5.50 8.27
C ILE C 208 3.06 -5.00 8.18
N THR C 209 3.32 -4.10 7.23
CA THR C 209 4.58 -3.37 7.21
C THR C 209 4.58 -2.35 8.33
N ILE C 210 5.60 -2.37 9.17
CA ILE C 210 5.70 -1.47 10.31
C ILE C 210 6.62 -0.33 9.94
N GLU C 211 6.06 0.88 9.84
CA GLU C 211 6.82 2.09 9.58
C GLU C 211 7.41 2.60 10.89
N ALA C 212 8.68 3.01 10.83
CA ALA C 212 9.28 3.68 11.97
C ALA C 212 8.67 5.06 12.19
N TYR C 213 8.25 5.71 11.11
CA TYR C 213 7.59 7.01 11.16
C TYR C 213 6.70 7.13 9.92
N PRO C 214 5.65 7.95 9.96
CA PRO C 214 4.70 7.99 8.83
C PRO C 214 5.28 8.49 7.51
N GLU C 215 6.42 9.16 7.51
CA GLU C 215 7.04 9.63 6.28
C GLU C 215 8.15 8.73 5.79
N ALA C 216 8.28 7.52 6.37
CA ALA C 216 9.33 6.60 5.95
C ALA C 216 9.03 6.01 4.58
N THR C 217 10.07 5.46 3.94
CA THR C 217 9.91 4.90 2.61
C THR C 217 9.14 3.58 2.67
N LYS C 218 8.44 3.28 1.57
CA LYS C 218 7.75 2.01 1.41
C LYS C 218 8.31 1.22 0.25
N ILE C 219 9.48 1.61 -0.25
CA ILE C 219 10.10 1.00 -1.43
C ILE C 219 11.35 0.28 -0.97
N TYR C 220 11.32 -1.05 -1.07
CA TYR C 220 12.43 -1.88 -0.60
C TYR C 220 13.49 -2.02 -1.68
N GLY C 221 14.76 -1.90 -1.29
CA GLY C 221 15.86 -2.11 -2.21
C GLY C 221 16.31 -0.90 -3.01
N VAL C 222 15.95 0.32 -2.57
CA VAL C 222 16.40 1.53 -3.24
C VAL C 222 17.91 1.70 -3.06
N GLU C 223 18.44 1.29 -1.91
CA GLU C 223 19.86 1.36 -1.60
C GLU C 223 20.72 0.46 -2.49
N ARG C 224 20.13 -0.53 -3.16
CA ARG C 224 20.87 -1.44 -4.01
C ARG C 224 20.72 -1.15 -5.50
N VAL C 225 20.16 0.02 -5.85
CA VAL C 225 19.95 0.34 -7.26
C VAL C 225 21.25 0.82 -7.88
N LYS C 226 21.68 0.13 -8.93
CA LYS C 226 22.83 0.49 -9.75
C LYS C 226 22.31 1.14 -11.05
N ASP C 227 23.22 1.30 -12.00
CA ASP C 227 22.86 1.93 -13.29
C ASP C 227 21.95 1.01 -14.08
N GLY C 228 21.30 1.54 -15.11
CA GLY C 228 20.38 0.78 -15.95
C GLY C 228 18.94 1.01 -15.53
N ASP C 229 18.05 0.30 -16.20
CA ASP C 229 16.62 0.43 -15.93
C ASP C 229 16.24 -0.19 -14.60
N VAL C 230 15.43 0.53 -13.84
CA VAL C 230 14.98 0.11 -12.52
C VAL C 230 13.65 -0.60 -12.69
N TYR C 231 13.55 -1.83 -12.20
CA TYR C 231 12.33 -2.62 -12.32
C TYR C 231 11.59 -2.59 -10.99
N VAL C 232 10.34 -2.12 -11.03
CA VAL C 232 9.52 -2.05 -9.78
C VAL C 232 8.67 -3.31 -9.68
N LEU C 233 8.53 -3.87 -8.47
CA LEU C 233 7.76 -5.13 -8.28
C LEU C 233 6.76 -4.96 -7.14
N GLU C 234 5.88 -5.94 -6.95
CA GLU C 234 4.85 -5.87 -5.87
C GLU C 234 5.37 -6.60 -4.64
N GLY C 235 6.36 -7.48 -4.80
CA GLY C 235 6.88 -8.24 -3.68
C GLY C 235 8.35 -7.99 -3.44
N PRO C 236 8.72 -7.81 -2.16
CA PRO C 236 10.16 -7.67 -1.83
C PRO C 236 10.96 -8.91 -2.15
N ILE C 237 10.44 -10.09 -1.80
CA ILE C 237 11.05 -11.35 -2.22
C ILE C 237 11.00 -11.49 -3.72
N ASP C 238 9.93 -11.01 -4.35
CA ASP C 238 9.86 -10.94 -5.80
C ASP C 238 10.91 -9.99 -6.36
N SER C 239 11.16 -8.87 -5.67
CA SER C 239 12.21 -7.95 -6.09
C SER C 239 13.60 -8.50 -5.87
N LEU C 240 13.76 -9.49 -4.97
CA LEU C 240 15.08 -10.06 -4.72
C LEU C 240 15.61 -10.90 -5.88
N PHE C 241 14.75 -11.32 -6.80
CA PHE C 241 15.22 -12.00 -8.00
C PHE C 241 15.58 -11.04 -9.12
N ILE C 242 15.46 -9.74 -8.88
CA ILE C 242 15.57 -8.73 -9.93
C ILE C 242 16.77 -7.86 -9.64
N GLU C 243 17.68 -7.74 -10.61
CA GLU C 243 18.73 -6.73 -10.51
C GLU C 243 18.14 -5.38 -10.87
N ASN C 244 18.54 -4.35 -10.10
CA ASN C 244 17.88 -3.03 -10.07
C ASN C 244 16.39 -3.17 -9.79
N GLY C 245 16.03 -4.07 -8.87
CA GLY C 245 14.64 -4.36 -8.59
C GLY C 245 14.21 -3.82 -7.24
N ILE C 246 13.25 -2.90 -7.28
CA ILE C 246 12.65 -2.35 -6.09
C ILE C 246 11.21 -2.82 -6.00
N ALA C 247 10.64 -2.74 -4.80
CA ALA C 247 9.29 -3.20 -4.57
C ALA C 247 8.55 -2.23 -3.65
N ILE C 248 7.39 -1.78 -4.09
CA ILE C 248 6.52 -0.94 -3.26
C ILE C 248 5.84 -1.83 -2.23
N THR C 249 5.89 -1.40 -0.97
CA THR C 249 5.31 -2.15 0.14
C THR C 249 4.19 -1.31 0.74
N GLY C 250 2.97 -1.53 0.24
CA GLY C 250 1.82 -0.79 0.72
C GLY C 250 0.67 -0.80 -0.25
N GLY C 251 -0.55 -0.60 0.26
CA GLY C 251 -1.72 -0.62 -0.60
C GLY C 251 -1.88 0.64 -1.44
N GLN C 252 -1.18 1.71 -1.07
CA GLN C 252 -1.23 2.96 -1.81
C GLN C 252 -0.04 3.00 -2.76
N LEU C 253 -0.29 3.36 -4.02
CA LEU C 253 0.75 3.39 -5.04
C LEU C 253 0.89 4.82 -5.54
N ASP C 254 1.81 5.55 -4.92
CA ASP C 254 2.11 6.92 -5.30
C ASP C 254 3.26 6.91 -6.29
N LEU C 255 3.02 7.44 -7.49
CA LEU C 255 4.06 7.51 -8.50
C LEU C 255 5.11 8.57 -8.15
N GLU C 256 4.73 9.57 -7.37
CA GLU C 256 5.65 10.65 -7.02
C GLU C 256 6.71 10.22 -6.04
N VAL C 257 6.36 9.41 -5.03
CA VAL C 257 7.35 8.97 -4.04
C VAL C 257 8.31 7.92 -4.60
N VAL C 258 7.99 7.31 -5.73
CA VAL C 258 8.90 6.36 -6.36
C VAL C 258 9.93 7.13 -7.17
N PRO C 259 11.22 6.95 -6.89
CA PRO C 259 12.26 7.66 -7.66
C PRO C 259 12.46 7.01 -9.03
N PHE C 260 13.49 7.53 -9.73
CA PHE C 260 13.91 7.07 -11.06
C PHE C 260 12.79 7.23 -12.08
N LYS C 261 12.25 8.44 -12.20
CA LYS C 261 11.13 8.70 -13.10
C LYS C 261 11.51 8.49 -14.56
N ASP C 262 12.77 8.73 -14.91
CA ASP C 262 13.27 8.46 -16.26
C ASP C 262 13.34 6.98 -16.57
N ARG C 263 13.56 6.12 -15.57
CA ARG C 263 13.96 4.75 -15.85
C ARG C 263 13.27 3.69 -14.98
N ARG C 264 12.17 4.02 -14.30
CA ARG C 264 11.44 2.99 -13.58
C ARG C 264 10.62 2.13 -14.53
N VAL C 265 10.60 0.82 -14.25
CA VAL C 265 9.84 -0.14 -15.04
C VAL C 265 8.85 -0.83 -14.12
N TRP C 266 7.57 -0.77 -14.47
CA TRP C 266 6.50 -1.39 -13.71
C TRP C 266 6.38 -2.85 -14.11
N VAL C 267 6.80 -3.75 -13.23
CA VAL C 267 6.74 -5.19 -13.47
C VAL C 267 5.76 -5.75 -12.44
N LEU C 268 4.49 -5.83 -12.81
CA LEU C 268 3.44 -6.23 -11.88
C LEU C 268 3.07 -7.70 -12.07
N ASP C 269 1.99 -8.10 -11.42
CA ASP C 269 1.59 -9.50 -11.43
C ASP C 269 0.95 -9.88 -12.76
N ASN C 270 1.02 -11.17 -13.09
CA ASN C 270 0.39 -11.73 -14.28
C ASN C 270 -1.02 -12.18 -13.90
N GLU C 271 -1.95 -11.22 -13.94
CA GLU C 271 -3.34 -11.46 -13.54
C GLU C 271 -4.27 -10.76 -14.52
N PRO C 272 -4.59 -11.39 -15.64
CA PRO C 272 -5.50 -10.75 -16.61
C PRO C 272 -6.95 -10.74 -16.15
N ARG C 273 -7.39 -11.77 -15.43
CA ARG C 273 -8.79 -11.81 -14.98
C ARG C 273 -9.03 -10.84 -13.83
N HIS C 274 -7.97 -10.43 -13.13
CA HIS C 274 -8.10 -9.55 -11.99
C HIS C 274 -8.37 -8.13 -12.45
N PRO C 275 -9.52 -7.54 -12.09
CA PRO C 275 -9.86 -6.21 -12.62
C PRO C 275 -9.10 -5.08 -11.95
N ASP C 276 -8.76 -5.21 -10.67
CA ASP C 276 -7.97 -4.18 -10.00
C ASP C 276 -6.57 -4.12 -10.58
N THR C 277 -6.02 -5.29 -10.97
CA THR C 277 -4.73 -5.34 -11.65
C THR C 277 -4.76 -4.54 -12.95
N ILE C 278 -5.80 -4.77 -13.77
CA ILE C 278 -6.01 -4.03 -15.01
C ILE C 278 -6.16 -2.54 -14.73
N LYS C 279 -6.83 -2.20 -13.62
CA LYS C 279 -6.92 -0.80 -13.20
C LYS C 279 -5.56 -0.21 -12.86
N ARG C 280 -4.70 -1.01 -12.24
CA ARG C 280 -3.37 -0.50 -11.80
C ARG C 280 -2.52 -0.16 -13.03
N MET C 281 -2.33 -1.13 -13.93
CA MET C 281 -1.59 -0.88 -15.19
C MET C 281 -2.26 0.27 -15.93
N THR C 282 -3.60 0.26 -16.00
CA THR C 282 -4.36 1.34 -16.68
C THR C 282 -3.87 2.69 -16.15
N LYS C 283 -3.99 2.91 -14.84
CA LYS C 283 -3.56 4.18 -14.26
C LYS C 283 -2.08 4.43 -14.49
N LEU C 284 -1.30 3.36 -14.71
CA LEU C 284 0.11 3.55 -15.02
C LEU C 284 0.31 4.00 -16.47
N VAL C 285 -0.47 3.44 -17.41
CA VAL C 285 -0.31 3.83 -18.81
C VAL C 285 -0.96 5.17 -19.07
N ASP C 286 -1.92 5.56 -18.21
CA ASP C 286 -2.51 6.90 -18.34
C ASP C 286 -1.53 7.98 -17.91
N ALA C 287 -0.52 7.62 -17.11
CA ALA C 287 0.57 8.52 -16.82
C ALA C 287 1.66 8.50 -17.89
N GLY C 288 1.50 7.68 -18.93
CA GLY C 288 2.51 7.56 -19.95
C GLY C 288 3.77 6.85 -19.52
N GLU C 289 3.66 5.95 -18.53
CA GLU C 289 4.84 5.35 -17.93
C GLU C 289 5.25 4.07 -18.64
N ARG C 290 6.46 3.61 -18.33
CA ARG C 290 6.97 2.38 -18.91
C ARG C 290 6.48 1.18 -18.12
N VAL C 291 5.67 0.34 -18.77
CA VAL C 291 5.00 -0.78 -18.15
C VAL C 291 5.46 -2.06 -18.82
N MET C 292 5.77 -3.09 -18.01
CA MET C 292 6.14 -4.40 -18.53
C MET C 292 4.90 -5.27 -18.64
N PHE C 293 4.79 -6.01 -19.74
CA PHE C 293 3.55 -6.69 -20.12
C PHE C 293 3.74 -8.20 -20.16
N TRP C 294 2.81 -8.90 -19.50
CA TRP C 294 2.81 -10.36 -19.38
C TRP C 294 2.12 -11.05 -20.54
N ASP C 295 1.85 -10.34 -21.63
CA ASP C 295 1.06 -10.89 -22.73
C ASP C 295 1.77 -12.01 -23.49
N LYS C 296 3.10 -11.99 -23.54
CA LYS C 296 3.87 -13.00 -24.25
C LYS C 296 4.69 -13.88 -23.31
N SER C 297 4.29 -13.98 -22.05
CA SER C 297 5.04 -14.77 -21.08
C SER C 297 4.87 -16.26 -21.37
N PRO C 298 5.96 -17.02 -21.50
CA PRO C 298 5.85 -18.48 -21.64
C PRO C 298 5.36 -19.16 -20.38
N TRP C 299 5.47 -18.54 -19.22
CA TRP C 299 5.00 -19.09 -17.96
C TRP C 299 3.68 -18.44 -17.56
N LYS C 300 2.82 -19.19 -16.89
CA LYS C 300 1.46 -18.64 -16.59
C LYS C 300 1.21 -18.53 -15.08
N SER C 301 2.27 -18.52 -14.26
CA SER C 301 2.10 -18.33 -12.83
C SER C 301 1.75 -16.88 -12.49
N LYS C 302 1.84 -16.55 -11.20
CA LYS C 302 1.37 -15.23 -10.76
C LYS C 302 2.52 -14.23 -10.65
N ASP C 303 3.56 -14.57 -9.88
CA ASP C 303 4.68 -13.68 -9.64
C ASP C 303 5.99 -14.39 -10.00
N VAL C 304 7.08 -13.62 -10.02
CA VAL C 304 8.38 -14.12 -10.52
C VAL C 304 8.89 -15.28 -9.67
N ASN C 305 8.65 -15.21 -8.36
CA ASN C 305 9.05 -16.34 -7.48
C ASN C 305 8.20 -17.55 -7.86
N ASP C 306 6.91 -17.34 -8.15
CA ASP C 306 6.01 -18.45 -8.55
C ASP C 306 6.50 -19.05 -9.87
N MET C 307 6.84 -18.20 -10.84
CA MET C 307 7.35 -18.69 -12.15
C MET C 307 8.57 -19.58 -11.88
N ILE C 308 9.39 -19.21 -10.90
CA ILE C 308 10.62 -20.00 -10.58
C ILE C 308 10.24 -21.28 -9.85
N ARG C 309 9.44 -21.17 -8.77
CA ARG C 309 9.13 -22.36 -7.98
C ARG C 309 8.27 -23.35 -8.76
N LYS C 310 7.19 -22.87 -9.40
CA LYS C 310 6.17 -23.76 -9.92
C LYS C 310 6.36 -24.14 -11.38
N GLU C 311 7.02 -23.30 -12.20
CA GLU C 311 7.23 -23.62 -13.60
C GLU C 311 8.70 -23.77 -13.96
N GLY C 312 9.58 -23.84 -12.97
CA GLY C 312 10.99 -24.11 -13.20
C GLY C 312 11.77 -23.04 -13.92
N ALA C 313 11.31 -21.78 -13.85
CA ALA C 313 11.99 -20.70 -14.54
C ALA C 313 13.29 -20.32 -13.83
N THR C 314 14.26 -19.86 -14.62
CA THR C 314 15.55 -19.35 -14.19
C THR C 314 15.56 -17.83 -14.34
N PRO C 315 16.35 -17.11 -13.52
CA PRO C 315 16.32 -15.63 -13.58
C PRO C 315 16.75 -15.00 -14.90
N GLU C 316 17.65 -15.61 -15.67
CA GLU C 316 18.13 -14.97 -16.89
C GLU C 316 17.04 -14.87 -17.95
N GLN C 317 16.17 -15.88 -18.04
CA GLN C 317 14.99 -15.80 -18.89
C GLN C 317 14.05 -14.69 -18.43
N ILE C 318 13.96 -14.49 -17.12
CA ILE C 318 13.12 -13.45 -16.55
C ILE C 318 13.63 -12.06 -16.93
N MET C 319 14.94 -11.81 -16.78
CA MET C 319 15.47 -10.51 -17.19
C MET C 319 15.39 -10.27 -18.70
N GLU C 320 15.55 -11.32 -19.53
CA GLU C 320 15.40 -11.04 -20.95
C GLU C 320 13.93 -10.82 -21.33
N TYR C 321 13.00 -11.41 -20.57
CA TYR C 321 11.59 -11.18 -20.88
C TYR C 321 11.17 -9.76 -20.48
N MET C 322 11.63 -9.27 -19.32
CA MET C 322 11.37 -7.87 -19.00
C MET C 322 12.10 -6.91 -19.93
N LYS C 323 13.33 -7.23 -20.34
CA LYS C 323 14.04 -6.28 -21.19
C LYS C 323 13.53 -6.31 -22.63
N ASN C 324 12.80 -7.36 -23.01
CA ASN C 324 12.21 -7.44 -24.34
C ASN C 324 10.76 -7.02 -24.39
N ASN C 325 10.15 -6.66 -23.26
CA ASN C 325 8.72 -6.35 -23.24
C ASN C 325 8.43 -5.12 -22.39
N ILE C 326 9.21 -4.06 -22.57
CA ILE C 326 8.86 -2.74 -22.05
C ILE C 326 8.21 -1.96 -23.17
N ALA C 327 6.97 -1.49 -22.95
CA ALA C 327 6.26 -0.70 -23.93
C ALA C 327 5.77 0.57 -23.28
N GLN C 328 5.56 1.60 -24.10
CA GLN C 328 5.13 2.90 -23.60
C GLN C 328 4.22 3.53 -24.63
N GLY C 329 3.30 4.36 -24.13
CA GLY C 329 2.41 5.08 -25.02
C GLY C 329 1.30 4.20 -25.59
N LEU C 330 0.93 4.49 -26.84
CA LEU C 330 -0.24 3.85 -27.45
C LEU C 330 0.03 2.38 -27.77
N MET C 331 1.30 2.03 -28.04
CA MET C 331 1.65 0.63 -28.22
C MET C 331 1.43 -0.15 -26.93
N ALA C 332 1.81 0.44 -25.79
CA ALA C 332 1.52 -0.16 -24.50
C ALA C 332 0.02 -0.23 -24.24
N LYS C 333 -0.72 0.79 -24.67
CA LYS C 333 -2.18 0.82 -24.47
C LYS C 333 -2.85 -0.32 -25.23
N MET C 334 -2.41 -0.55 -26.48
CA MET C 334 -2.89 -1.71 -27.22
C MET C 334 -2.41 -3.02 -26.60
N ARG C 335 -1.22 -3.00 -25.98
CA ARG C 335 -0.70 -4.21 -25.29
C ARG C 335 -1.63 -4.56 -24.13
N LEU C 336 -1.86 -3.62 -23.22
CA LEU C 336 -2.81 -3.85 -22.10
C LEU C 336 -4.15 -4.27 -22.68
N SER C 337 -4.58 -3.59 -23.74
CA SER C 337 -5.88 -3.93 -24.39
C SER C 337 -5.95 -5.42 -24.71
N LYS C 338 -5.02 -5.93 -25.51
CA LYS C 338 -5.07 -7.33 -25.91
C LYS C 338 -4.72 -8.26 -24.74
N TYR C 339 -4.12 -7.72 -23.68
CA TYR C 339 -3.73 -8.56 -22.55
C TYR C 339 -4.88 -8.76 -21.57
N ALA C 340 -5.80 -7.78 -21.49
CA ALA C 340 -6.76 -7.70 -20.39
C ALA C 340 -7.75 -8.87 -20.41
N LYS C 341 -8.30 -9.19 -21.57
CA LYS C 341 -9.17 -10.36 -21.69
C LYS C 341 -8.84 -11.14 -22.97
#